data_2ANM
#
_entry.id   2ANM
#
_cell.length_a   71.240
_cell.length_b   72.390
_cell.length_c   73.060
_cell.angle_alpha   90.00
_cell.angle_beta   101.01
_cell.angle_gamma   90.00
#
_symmetry.space_group_name_H-M   'C 1 2 1'
#
loop_
_entity.id
_entity.type
_entity.pdbx_description
1 polymer thrombin
2 polymer thrombin
3 non-polymer '2-((R)-1-((S)-2-(N-(6-CARBAMIMIDOYLPYRIDIN-3-YL)METHYLCARBAMOYL)-2H-PYRROL-1(5H)-YL)-3-CYCLOHEXYL-1-OXOPROPAN-2-YLAMINO)ACETIC ACID'
4 water water
#
loop_
_entity_poly.entity_id
_entity_poly.type
_entity_poly.pdbx_seq_one_letter_code
_entity_poly.pdbx_strand_id
1 'polypeptide(L)'
;IVEGSDAEIGMSPWQVMLFRKSPQELLCGASLISDRWVLTAAHCLLYPPWDKNFTENDLLVRIGKHSRTRYERNIEKISM
LEKIYIHPRYNWRENLDRDIALMKLKKPVAFSDYIHPVCLPDRETAASLLQAGYKGRVTGWGNLKETWTANVGKGQPSVL
QVVNLPIVERPVCKDSTRIRITDNMFCAGYKPDEGKRGDACEGDSGGPFVMKSPFNNRWYQMGIVSWGEGCDRDGKYGFY
THVFRLKKWIQKVIDQF
;
H
2 'polypeptide(L)' TFGSGEADCGLRPLFEKKSLEDKTERELLESYIDGR L
#
# COMPACT_ATOMS: atom_id res chain seq x y z
N ILE A 1 3.28 6.49 -9.26
CA ILE A 1 3.11 7.68 -8.40
C ILE A 1 3.34 8.98 -9.19
N VAL A 2 2.37 9.89 -9.12
CA VAL A 2 2.45 11.17 -9.80
C VAL A 2 2.76 12.32 -8.84
N GLU A 3 3.74 13.15 -9.21
CA GLU A 3 4.13 14.30 -8.39
C GLU A 3 4.70 13.96 -7.03
N GLY A 4 5.28 12.78 -6.90
CA GLY A 4 5.87 12.39 -5.64
C GLY A 4 7.34 12.68 -5.75
N SER A 5 8.16 11.95 -5.01
CA SER A 5 9.60 12.13 -5.05
C SER A 5 10.27 10.82 -4.69
N ASP A 6 11.57 10.75 -4.94
CA ASP A 6 12.34 9.55 -4.65
C ASP A 6 12.34 9.25 -3.16
N ALA A 7 12.04 8.00 -2.80
CA ALA A 7 12.03 7.59 -1.41
C ALA A 7 13.48 7.42 -0.95
N GLU A 8 13.76 7.59 0.33
CA GLU A 8 15.12 7.39 0.79
C GLU A 8 15.31 5.94 1.22
N ILE A 9 16.56 5.50 1.31
CA ILE A 9 16.87 4.12 1.67
C ILE A 9 16.27 3.64 3.00
N GLY A 10 15.60 2.49 2.95
CA GLY A 10 15.01 1.92 4.14
C GLY A 10 13.84 2.70 4.70
N MET A 11 13.25 3.54 3.85
CA MET A 11 12.11 4.36 4.24
C MET A 11 10.79 3.59 4.29
N SER A 12 10.66 2.55 3.47
CA SER A 12 9.45 1.73 3.42
C SER A 12 9.88 0.27 3.29
N PRO A 13 10.55 -0.26 4.31
CA PRO A 13 11.05 -1.64 4.37
C PRO A 13 10.03 -2.77 4.26
N TRP A 14 8.75 -2.43 4.16
CA TRP A 14 7.71 -3.43 4.03
C TRP A 14 7.20 -3.46 2.58
N GLN A 15 7.65 -2.48 1.80
CA GLN A 15 7.27 -2.34 0.40
C GLN A 15 7.65 -3.59 -0.38
N VAL A 16 6.69 -4.17 -1.07
CA VAL A 16 6.97 -5.37 -1.84
C VAL A 16 6.61 -5.19 -3.30
N MET A 17 7.39 -5.80 -4.19
CA MET A 17 7.13 -5.72 -5.62
C MET A 17 6.62 -7.07 -6.09
N LEU A 18 5.49 -7.08 -6.79
CA LEU A 18 4.93 -8.31 -7.32
C LEU A 18 5.52 -8.47 -8.70
N PHE A 19 6.42 -9.43 -8.86
CA PHE A 19 7.07 -9.62 -10.15
C PHE A 19 6.59 -10.83 -10.94
N ARG A 20 6.36 -10.60 -12.23
CA ARG A 20 5.90 -11.66 -13.12
C ARG A 20 7.07 -12.43 -13.72
N LYS A 21 6.98 -13.76 -13.69
CA LYS A 21 8.02 -14.62 -14.22
C LYS A 21 8.20 -14.48 -15.74
N SER A 22 7.11 -14.50 -16.49
CA SER A 22 7.24 -14.38 -17.94
C SER A 22 6.02 -13.79 -18.64
N PRO A 23 6.18 -12.61 -19.26
CA PRO A 23 7.44 -11.89 -19.27
C PRO A 23 7.89 -11.42 -17.88
N GLN A 24 9.01 -10.73 -17.82
CA GLN A 24 9.53 -10.23 -16.55
C GLN A 24 9.26 -8.73 -16.44
N GLU A 25 8.26 -8.38 -15.63
CA GLU A 25 7.89 -6.99 -15.44
C GLU A 25 7.20 -6.74 -14.11
N LEU A 26 7.11 -5.47 -13.76
CA LEU A 26 6.46 -5.02 -12.55
C LEU A 26 4.98 -5.30 -12.75
N LEU A 27 4.36 -5.91 -11.75
CA LEU A 27 2.96 -6.25 -11.83
C LEU A 27 2.16 -5.39 -10.86
N CYS A 28 2.63 -5.34 -9.62
CA CYS A 28 1.96 -4.62 -8.57
C CYS A 28 2.85 -4.35 -7.37
N GLY A 29 2.30 -3.60 -6.43
CA GLY A 29 2.98 -3.30 -5.19
C GLY A 29 2.33 -4.24 -4.20
N ALA A 30 2.86 -4.29 -2.98
CA ALA A 30 2.32 -5.18 -1.94
C ALA A 30 3.05 -4.81 -0.67
N SER A 31 2.71 -5.45 0.44
CA SER A 31 3.38 -5.14 1.70
C SER A 31 3.63 -6.35 2.59
N LEU A 32 4.74 -6.30 3.33
CA LEU A 32 5.11 -7.37 4.23
C LEU A 32 4.51 -7.11 5.61
N ILE A 33 3.70 -8.05 6.10
CA ILE A 33 3.06 -7.88 7.41
C ILE A 33 3.52 -8.91 8.45
N SER A 34 4.43 -9.80 8.06
CA SER A 34 4.99 -10.80 8.97
C SER A 34 6.12 -11.47 8.20
N ASP A 35 6.73 -12.49 8.77
CA ASP A 35 7.83 -13.16 8.09
C ASP A 35 7.37 -14.06 6.95
N ARG A 36 6.09 -14.43 6.96
CA ARG A 36 5.54 -15.34 5.95
C ARG A 36 4.39 -14.78 5.10
N TRP A 37 3.86 -13.61 5.45
CA TRP A 37 2.73 -13.05 4.73
C TRP A 37 2.92 -11.71 4.04
N VAL A 38 2.31 -11.59 2.86
CA VAL A 38 2.35 -10.33 2.12
C VAL A 38 0.92 -9.95 1.77
N LEU A 39 0.65 -8.65 1.80
CA LEU A 39 -0.67 -8.11 1.54
C LEU A 39 -0.69 -7.36 0.21
N THR A 40 -1.78 -7.49 -0.54
CA THR A 40 -1.91 -6.80 -1.82
C THR A 40 -3.37 -6.67 -2.27
N ALA A 41 -3.57 -6.03 -3.40
CA ALA A 41 -4.91 -5.82 -3.95
C ALA A 41 -5.28 -6.98 -4.86
N ALA A 42 -6.50 -7.49 -4.67
CA ALA A 42 -7.01 -8.62 -5.45
C ALA A 42 -6.99 -8.39 -6.96
N HIS A 43 -7.36 -7.20 -7.42
CA HIS A 43 -7.36 -6.96 -8.85
C HIS A 43 -6.00 -7.20 -9.49
N CYS A 44 -4.96 -7.30 -8.66
CA CYS A 44 -3.60 -7.55 -9.16
C CYS A 44 -3.50 -9.00 -9.65
N LEU A 45 -4.29 -9.87 -9.04
CA LEU A 45 -4.27 -11.29 -9.39
C LEU A 45 -5.45 -11.67 -10.27
N LEU A 46 -6.64 -11.26 -9.86
CA LEU A 46 -7.86 -11.58 -10.59
C LEU A 46 -8.61 -10.37 -11.12
N TYR A 47 -8.87 -10.38 -12.43
CA TYR A 47 -9.62 -9.30 -13.06
C TYR A 47 -10.05 -9.70 -14.47
N PRO A 48 -11.10 -10.52 -14.57
CA PRO A 48 -11.71 -11.05 -15.81
C PRO A 48 -11.92 -10.07 -16.95
N PRO A 49 -12.30 -8.83 -16.65
CA PRO A 49 -12.48 -7.91 -17.78
C PRO A 49 -11.23 -7.78 -18.64
N TRP A 50 -10.07 -8.09 -18.07
CA TRP A 50 -8.80 -8.01 -18.79
C TRP A 50 -8.16 -9.38 -18.89
N ASP A 51 -8.97 -10.42 -18.75
CA ASP A 51 -8.45 -11.79 -18.81
C ASP A 51 -7.26 -11.98 -17.87
N LYS A 52 -7.25 -11.22 -16.79
CA LYS A 52 -6.19 -11.30 -15.79
C LYS A 52 -6.58 -12.35 -14.75
N ASN A 53 -5.72 -13.33 -14.53
CA ASN A 53 -6.01 -14.38 -13.54
C ASN A 53 -4.74 -15.19 -13.25
N PHE A 54 -3.86 -14.62 -12.43
CA PHE A 54 -2.60 -15.26 -12.07
C PHE A 54 -2.71 -16.32 -10.98
N THR A 55 -1.75 -17.25 -10.97
CA THR A 55 -1.70 -18.31 -9.98
C THR A 55 -0.36 -18.29 -9.25
N GLU A 56 -0.24 -19.08 -8.19
CA GLU A 56 0.99 -19.13 -7.39
C GLU A 56 2.28 -19.15 -8.19
N ASN A 57 2.34 -19.99 -9.22
CA ASN A 57 3.56 -20.13 -10.01
C ASN A 57 3.85 -19.10 -11.10
N ASP A 58 2.95 -18.15 -11.31
CA ASP A 58 3.18 -17.13 -12.33
C ASP A 58 3.88 -15.93 -11.71
N LEU A 59 3.97 -15.92 -10.38
CA LEU A 59 4.55 -14.79 -9.67
C LEU A 59 5.74 -14.99 -8.74
N LEU A 60 6.47 -13.90 -8.57
CA LEU A 60 7.62 -13.84 -7.68
C LEU A 60 7.42 -12.61 -6.80
N VAL A 61 7.86 -12.71 -5.55
CA VAL A 61 7.75 -11.61 -4.59
C VAL A 61 9.17 -11.06 -4.32
N ARG A 62 9.38 -9.78 -4.60
CA ARG A 62 10.69 -9.18 -4.37
C ARG A 62 10.67 -8.13 -3.25
N ILE A 63 11.30 -8.47 -2.13
CA ILE A 63 11.36 -7.64 -0.93
C ILE A 63 12.71 -6.94 -0.71
N GLY A 64 12.66 -5.76 -0.09
CA GLY A 64 13.87 -4.99 0.20
C GLY A 64 14.40 -4.08 -0.90
N LYS A 65 13.61 -3.89 -1.96
CA LYS A 65 14.04 -3.09 -3.09
C LYS A 65 13.93 -1.58 -3.01
N HIS A 66 14.67 -0.92 -3.89
CA HIS A 66 14.69 0.53 -3.99
C HIS A 66 14.64 0.88 -5.47
N SER A 67 15.51 0.24 -6.24
CA SER A 67 15.57 0.47 -7.67
C SER A 67 14.42 -0.30 -8.30
N ARG A 68 13.85 0.27 -9.37
CA ARG A 68 12.73 -0.38 -10.05
C ARG A 68 13.15 -1.56 -10.91
N THR A 69 14.20 -1.39 -11.71
CA THR A 69 14.63 -2.43 -12.63
C THR A 69 15.85 -3.27 -12.27
N ARG A 70 16.76 -2.74 -11.47
CA ARG A 70 17.96 -3.52 -11.15
C ARG A 70 17.72 -4.67 -10.19
N TYR A 71 18.57 -5.68 -10.26
CA TYR A 71 18.49 -6.81 -9.34
C TYR A 71 19.47 -6.39 -8.26
N GLU A 72 18.95 -5.91 -7.15
CA GLU A 72 19.78 -5.40 -6.06
C GLU A 72 20.43 -6.49 -5.21
N ARG A 73 21.48 -7.05 -5.78
CA ARG A 73 22.29 -8.11 -5.20
C ARG A 73 22.70 -7.79 -3.77
N ASN A 74 22.56 -8.79 -2.89
CA ASN A 74 22.91 -8.66 -1.48
C ASN A 74 21.95 -7.81 -0.66
N ILE A 75 21.00 -7.16 -1.33
CA ILE A 75 20.05 -6.32 -0.63
C ILE A 75 18.63 -6.86 -0.70
N GLU A 76 18.08 -6.97 -1.90
CA GLU A 76 16.72 -7.48 -2.04
C GLU A 76 16.64 -8.99 -1.84
N LYS A 77 15.44 -9.48 -1.54
CA LYS A 77 15.22 -10.91 -1.33
C LYS A 77 14.03 -11.35 -2.18
N ILE A 78 14.26 -12.29 -3.08
CA ILE A 78 13.21 -12.78 -3.95
C ILE A 78 12.59 -14.04 -3.35
N SER A 79 11.28 -14.01 -3.19
CA SER A 79 10.59 -15.15 -2.60
C SER A 79 9.48 -15.71 -3.47
N MET A 80 9.18 -17.00 -3.27
CA MET A 80 8.14 -17.67 -4.04
C MET A 80 6.86 -17.78 -3.22
N LEU A 81 5.74 -17.92 -3.92
CA LEU A 81 4.43 -18.02 -3.31
C LEU A 81 4.02 -19.44 -3.05
N GLU A 82 3.40 -19.68 -1.89
CA GLU A 82 2.94 -21.00 -1.53
C GLU A 82 1.44 -21.10 -1.78
N LYS A 83 0.73 -20.04 -1.42
CA LYS A 83 -0.72 -20.02 -1.61
C LYS A 83 -1.26 -18.59 -1.64
N ILE A 84 -2.23 -18.36 -2.50
CA ILE A 84 -2.84 -17.04 -2.64
C ILE A 84 -4.30 -17.12 -2.17
N TYR A 85 -4.75 -16.08 -1.47
CA TYR A 85 -6.13 -16.06 -0.99
C TYR A 85 -6.81 -14.75 -1.36
N ILE A 86 -7.80 -14.83 -2.25
CA ILE A 86 -8.56 -13.65 -2.69
C ILE A 86 -9.77 -13.55 -1.75
N HIS A 87 -10.21 -12.35 -1.43
CA HIS A 87 -11.38 -12.23 -0.56
C HIS A 87 -12.59 -12.88 -1.23
N PRO A 88 -13.19 -13.86 -0.58
CA PRO A 88 -14.36 -14.56 -1.16
C PRO A 88 -15.42 -13.64 -1.77
N ARG A 89 -15.58 -12.43 -1.26
CA ARG A 89 -16.59 -11.52 -1.80
C ARG A 89 -16.04 -10.35 -2.59
N TYR A 90 -14.85 -10.52 -3.16
CA TYR A 90 -14.24 -9.47 -3.98
C TYR A 90 -15.18 -9.21 -5.16
N ASN A 91 -15.59 -7.95 -5.32
CA ASN A 91 -16.51 -7.59 -6.39
C ASN A 91 -15.79 -6.98 -7.60
N TRP A 92 -15.28 -7.82 -8.48
CA TRP A 92 -14.60 -7.30 -9.66
C TRP A 92 -15.61 -6.87 -10.71
N ARG A 93 -16.82 -7.42 -10.64
CA ARG A 93 -17.88 -7.12 -11.61
C ARG A 93 -18.46 -5.73 -11.57
N GLU A 94 -18.51 -5.13 -10.39
CA GLU A 94 -19.14 -3.84 -10.25
C GLU A 94 -18.34 -2.62 -9.81
N ASN A 95 -17.71 -2.70 -8.63
CA ASN A 95 -16.96 -1.56 -8.12
C ASN A 95 -15.67 -1.91 -7.39
N LEU A 96 -15.18 -3.12 -7.58
CA LEU A 96 -13.94 -3.52 -6.93
C LEU A 96 -14.05 -3.47 -5.39
N ASP A 97 -15.24 -3.79 -4.89
CA ASP A 97 -15.47 -3.82 -3.45
C ASP A 97 -14.68 -5.00 -2.89
N ARG A 98 -14.05 -4.79 -1.74
CA ARG A 98 -13.25 -5.81 -1.08
C ARG A 98 -12.06 -6.24 -1.92
N ASP A 99 -11.34 -5.24 -2.43
CA ASP A 99 -10.15 -5.44 -3.26
C ASP A 99 -8.96 -5.72 -2.33
N ILE A 100 -8.84 -6.96 -1.89
CA ILE A 100 -7.76 -7.34 -0.98
C ILE A 100 -7.40 -8.81 -1.17
N ALA A 101 -6.12 -9.13 -0.98
CA ALA A 101 -5.68 -10.51 -1.11
C ALA A 101 -4.44 -10.77 -0.28
N LEU A 102 -4.31 -12.00 0.19
CA LEU A 102 -3.18 -12.42 1.00
C LEU A 102 -2.37 -13.48 0.26
N MET A 103 -1.05 -13.40 0.43
CA MET A 103 -0.15 -14.35 -0.19
C MET A 103 0.77 -14.95 0.87
N LYS A 104 0.85 -16.28 0.85
CA LYS A 104 1.66 -17.05 1.77
C LYS A 104 3.00 -17.37 1.12
N LEU A 105 4.09 -16.91 1.74
CA LEU A 105 5.42 -17.17 1.20
C LEU A 105 5.85 -18.61 1.47
N LYS A 106 6.58 -19.21 0.54
CA LYS A 106 7.04 -20.58 0.73
C LYS A 106 7.92 -20.74 1.96
N LYS A 107 8.80 -19.77 2.18
CA LYS A 107 9.72 -19.81 3.30
C LYS A 107 9.79 -18.43 3.96
N PRO A 108 9.89 -18.38 5.29
CA PRO A 108 9.97 -17.12 6.02
C PRO A 108 11.11 -16.28 5.48
N VAL A 109 10.91 -14.98 5.40
CA VAL A 109 11.94 -14.08 4.91
C VAL A 109 12.65 -13.53 6.13
N ALA A 110 13.97 -13.38 6.06
CA ALA A 110 14.73 -12.86 7.19
C ALA A 110 14.82 -11.33 7.14
N PHE A 111 14.45 -10.68 8.24
CA PHE A 111 14.47 -9.23 8.28
C PHE A 111 15.88 -8.66 8.24
N SER A 112 15.97 -7.36 8.02
CA SER A 112 17.26 -6.67 7.94
C SER A 112 16.99 -5.18 7.95
N ASP A 113 18.00 -4.38 7.62
CA ASP A 113 17.83 -2.93 7.60
C ASP A 113 16.86 -2.49 6.50
N TYR A 114 16.74 -3.30 5.45
CA TYR A 114 15.88 -2.94 4.32
C TYR A 114 14.59 -3.71 4.22
N ILE A 115 14.43 -4.70 5.11
CA ILE A 115 13.25 -5.54 5.11
C ILE A 115 12.68 -5.61 6.52
N HIS A 116 11.47 -5.08 6.69
CA HIS A 116 10.83 -5.07 8.00
C HIS A 116 9.32 -4.94 7.78
N PRO A 117 8.52 -5.67 8.57
CA PRO A 117 7.07 -5.64 8.46
C PRO A 117 6.38 -4.39 9.02
N VAL A 118 5.29 -4.00 8.37
CA VAL A 118 4.51 -2.85 8.80
C VAL A 118 3.48 -3.43 9.74
N CYS A 119 2.79 -2.59 10.51
CA CYS A 119 1.79 -3.11 11.44
C CYS A 119 0.38 -3.01 10.86
N LEU A 120 -0.48 -3.94 11.26
CA LEU A 120 -1.88 -3.92 10.88
C LEU A 120 -2.57 -3.14 11.98
N PRO A 121 -3.51 -2.26 11.61
CA PRO A 121 -4.24 -1.45 12.59
C PRO A 121 -5.24 -2.23 13.44
N ASP A 122 -5.48 -1.75 14.64
CA ASP A 122 -6.45 -2.33 15.55
C ASP A 122 -7.56 -1.30 15.64
N ARG A 123 -8.71 -1.67 16.19
CA ARG A 123 -9.82 -0.72 16.26
C ARG A 123 -9.47 0.68 16.77
N GLU A 124 -8.76 0.77 17.89
CA GLU A 124 -8.38 2.06 18.48
C GLU A 124 -7.56 2.93 17.52
N THR A 125 -6.48 2.36 16.99
CA THR A 125 -5.61 3.08 16.09
C THR A 125 -6.33 3.56 14.83
N ALA A 126 -7.09 2.67 14.20
CA ALA A 126 -7.83 3.07 13.00
C ALA A 126 -8.80 4.19 13.34
N ALA A 127 -9.50 4.02 14.46
CA ALA A 127 -10.46 5.03 14.88
C ALA A 127 -9.81 6.40 15.00
N SER A 128 -8.66 6.48 15.66
CA SER A 128 -8.01 7.77 15.83
C SER A 128 -7.26 8.35 14.64
N LEU A 129 -6.62 7.51 13.84
CA LEU A 129 -5.86 8.02 12.70
C LEU A 129 -6.63 8.20 11.41
N LEU A 130 -7.67 7.38 11.19
CA LEU A 130 -8.43 7.46 9.95
C LEU A 130 -9.45 8.58 9.94
N GLN A 131 -8.97 9.81 9.72
CA GLN A 131 -9.84 10.97 9.72
C GLN A 131 -9.50 11.91 8.57
N ALA A 132 -10.53 12.55 8.02
CA ALA A 132 -10.36 13.50 6.92
C ALA A 132 -9.35 14.57 7.27
N GLY A 133 -8.46 14.88 6.33
CA GLY A 133 -7.45 15.89 6.58
C GLY A 133 -6.12 15.30 7.03
N TYR A 134 -6.18 14.16 7.70
CA TYR A 134 -4.97 13.47 8.16
C TYR A 134 -4.28 12.93 6.91
N LYS A 135 -2.96 12.97 6.89
CA LYS A 135 -2.19 12.48 5.75
C LYS A 135 -1.61 11.09 5.93
N GLY A 136 -1.55 10.37 4.82
CA GLY A 136 -1.00 9.03 4.80
C GLY A 136 0.08 9.03 3.73
N ARG A 137 0.84 7.95 3.65
CA ARG A 137 1.91 7.84 2.68
C ARG A 137 1.66 6.67 1.72
N VAL A 138 1.85 6.91 0.43
CA VAL A 138 1.69 5.87 -0.59
C VAL A 138 3.04 5.73 -1.28
N THR A 139 3.43 4.50 -1.58
CA THR A 139 4.70 4.25 -2.25
C THR A 139 4.55 3.27 -3.41
N GLY A 140 5.35 3.45 -4.46
CA GLY A 140 5.29 2.56 -5.61
C GLY A 140 6.30 2.86 -6.70
N TRP A 141 6.31 1.99 -7.71
CA TRP A 141 7.20 2.11 -8.86
C TRP A 141 6.33 2.28 -10.10
N GLY A 142 5.10 2.75 -9.89
CA GLY A 142 4.17 2.93 -10.98
C GLY A 142 4.45 4.17 -11.80
N ASN A 143 3.57 4.42 -12.77
CA ASN A 143 3.71 5.56 -13.67
C ASN A 143 3.85 6.91 -12.98
N LEU A 144 4.53 7.82 -13.66
CA LEU A 144 4.78 9.17 -13.16
C LEU A 144 3.73 10.16 -13.69
N LYS A 145 3.00 9.75 -14.72
CA LYS A 145 1.94 10.57 -15.29
C LYS A 145 0.88 9.66 -15.91
N GLU A 146 -0.33 10.17 -16.05
CA GLU A 146 -1.43 9.37 -16.60
C GLU A 146 -1.12 8.70 -17.92
N THR A 147 -0.75 9.50 -18.92
CA THR A 147 -0.43 8.93 -20.24
C THR A 147 0.99 9.31 -20.68
N GLY A 155 7.99 8.53 -18.10
CA GLY A 155 7.46 7.17 -18.11
C GLY A 155 7.39 6.56 -16.72
N GLN A 156 8.31 5.66 -16.43
CA GLN A 156 8.34 5.02 -15.12
C GLN A 156 9.50 5.57 -14.29
N PRO A 157 9.40 5.47 -12.97
CA PRO A 157 10.46 5.96 -12.08
C PRO A 157 11.65 5.04 -12.11
N SER A 158 12.82 5.58 -11.78
CA SER A 158 14.03 4.81 -11.75
C SER A 158 14.14 4.20 -10.37
N VAL A 159 13.69 4.97 -9.40
CA VAL A 159 13.77 4.56 -8.01
C VAL A 159 12.37 4.60 -7.38
N LEU A 160 12.18 3.87 -6.27
CA LEU A 160 10.87 3.86 -5.59
C LEU A 160 10.40 5.29 -5.31
N GLN A 161 9.11 5.55 -5.56
CA GLN A 161 8.51 6.87 -5.36
C GLN A 161 7.63 6.93 -4.12
N VAL A 162 7.51 8.14 -3.55
CA VAL A 162 6.69 8.35 -2.36
C VAL A 162 5.90 9.65 -2.42
N VAL A 163 4.68 9.62 -1.89
CA VAL A 163 3.84 10.83 -1.82
C VAL A 163 3.08 10.77 -0.52
N ASN A 164 2.81 11.96 0.04
CA ASN A 164 2.05 12.09 1.27
C ASN A 164 0.74 12.74 0.86
N LEU A 165 -0.36 12.05 1.13
CA LEU A 165 -1.68 12.54 0.73
C LEU A 165 -2.69 12.60 1.86
N PRO A 166 -3.54 13.64 1.86
CA PRO A 166 -4.54 13.73 2.92
C PRO A 166 -5.77 12.88 2.60
N ILE A 167 -6.37 12.30 3.63
CA ILE A 167 -7.58 11.51 3.48
C ILE A 167 -8.71 12.51 3.22
N VAL A 168 -9.64 12.15 2.35
CA VAL A 168 -10.74 13.03 2.00
C VAL A 168 -12.09 12.64 2.60
N GLU A 169 -12.91 13.65 2.87
CA GLU A 169 -14.25 13.46 3.45
C GLU A 169 -15.05 12.51 2.58
N ARG A 170 -15.65 11.49 3.20
CA ARG A 170 -16.43 10.49 2.46
C ARG A 170 -17.45 11.05 1.46
N PRO A 171 -18.18 12.13 1.83
CA PRO A 171 -19.16 12.72 0.92
C PRO A 171 -18.48 13.23 -0.35
N VAL A 172 -17.34 13.88 -0.17
CA VAL A 172 -16.58 14.42 -1.27
C VAL A 172 -16.12 13.31 -2.22
N CYS A 173 -15.81 12.14 -1.65
CA CYS A 173 -15.38 11.00 -2.46
C CYS A 173 -16.57 10.50 -3.31
N LYS A 174 -17.74 10.41 -2.69
CA LYS A 174 -18.93 9.93 -3.37
C LYS A 174 -19.38 10.79 -4.55
N ASP A 175 -19.24 12.11 -4.42
CA ASP A 175 -19.64 13.05 -5.46
C ASP A 175 -18.60 13.31 -6.54
N SER A 176 -17.53 12.54 -6.53
CA SER A 176 -16.48 12.74 -7.53
C SER A 176 -16.53 11.67 -8.60
N THR A 177 -17.35 10.65 -8.38
CA THR A 177 -17.44 9.52 -9.31
C THR A 177 -18.85 8.95 -9.45
N ARG A 178 -19.06 8.21 -10.53
CA ARG A 178 -20.36 7.57 -10.77
C ARG A 178 -20.29 6.16 -10.23
N ILE A 179 -19.09 5.76 -9.84
CA ILE A 179 -18.84 4.42 -9.31
C ILE A 179 -19.44 4.34 -7.90
N ARG A 180 -20.08 3.21 -7.60
CA ARG A 180 -20.69 3.02 -6.29
C ARG A 180 -19.66 2.75 -5.17
N ILE A 181 -19.48 3.72 -4.29
CA ILE A 181 -18.56 3.62 -3.17
C ILE A 181 -19.14 2.70 -2.09
N THR A 182 -18.29 2.13 -1.24
CA THR A 182 -18.77 1.26 -0.16
C THR A 182 -17.94 1.54 1.09
N ASP A 183 -18.35 0.94 2.21
CA ASP A 183 -17.67 1.14 3.49
C ASP A 183 -16.26 0.56 3.53
N ASN A 184 -15.99 -0.38 2.63
CA ASN A 184 -14.68 -1.04 2.57
C ASN A 184 -13.63 -0.26 1.79
N MET A 185 -13.89 1.00 1.52
CA MET A 185 -12.94 1.83 0.80
C MET A 185 -13.03 3.27 1.27
N PHE A 186 -11.95 4.01 1.04
CA PHE A 186 -11.91 5.42 1.39
C PHE A 186 -11.07 6.05 0.28
N CYS A 187 -11.15 7.36 0.13
CA CYS A 187 -10.36 7.99 -0.92
C CYS A 187 -9.41 9.01 -0.34
N ALA A 188 -8.37 9.34 -1.10
CA ALA A 188 -7.39 10.29 -0.64
C ALA A 188 -6.86 11.11 -1.80
N GLY A 189 -6.44 12.33 -1.49
CA GLY A 189 -5.91 13.22 -2.50
C GLY A 189 -6.20 14.64 -2.10
N TYR A 190 -5.61 15.58 -2.85
CA TYR A 190 -5.82 16.99 -2.58
C TYR A 190 -6.97 17.46 -3.45
N LYS A 191 -7.70 18.46 -2.97
CA LYS A 191 -8.82 19.01 -3.73
C LYS A 191 -8.23 20.01 -4.72
N PRO A 192 -8.99 20.37 -5.77
CA PRO A 192 -8.57 21.30 -6.81
C PRO A 192 -8.01 22.64 -6.31
N ASP A 193 -8.56 23.17 -5.23
CA ASP A 193 -8.09 24.46 -4.72
C ASP A 193 -7.07 24.38 -3.59
N GLU A 194 -6.46 23.22 -3.39
CA GLU A 194 -5.49 23.07 -2.32
C GLU A 194 -4.04 23.31 -2.73
N GLY A 195 -3.82 23.78 -3.95
CA GLY A 195 -2.47 24.07 -4.41
C GLY A 195 -1.55 22.90 -4.69
N LYS A 196 -1.48 21.94 -3.77
CA LYS A 196 -0.64 20.76 -3.94
C LYS A 196 -1.41 19.65 -4.65
N ARG A 197 -0.70 18.70 -5.23
CA ARG A 197 -1.36 17.60 -5.92
C ARG A 197 -0.61 16.28 -5.71
N GLY A 198 -0.86 15.30 -6.58
CA GLY A 198 -0.21 14.01 -6.44
C GLY A 198 -1.23 12.89 -6.36
N ASP A 199 -0.83 11.67 -6.70
CA ASP A 199 -1.75 10.55 -6.69
C ASP A 199 -1.01 9.26 -7.06
N ALA A 200 -1.65 8.12 -6.81
CA ALA A 200 -1.07 6.84 -7.16
C ALA A 200 -1.43 6.69 -8.63
N CYS A 201 -1.00 5.61 -9.27
CA CYS A 201 -1.32 5.43 -10.67
C CYS A 201 -1.05 4.01 -11.08
N GLU A 202 -1.38 3.68 -12.32
CA GLU A 202 -1.16 2.35 -12.86
C GLU A 202 0.19 1.86 -12.40
N GLY A 203 0.26 0.62 -11.93
CA GLY A 203 1.53 0.07 -11.47
C GLY A 203 1.75 0.17 -9.97
N ASP A 204 1.02 1.06 -9.30
CA ASP A 204 1.13 1.21 -7.87
C ASP A 204 0.15 0.28 -7.15
N SER A 205 -0.84 -0.21 -7.90
CA SER A 205 -1.85 -1.13 -7.37
C SER A 205 -1.27 -2.05 -6.33
N GLY A 206 -2.02 -2.29 -5.26
CA GLY A 206 -1.57 -3.19 -4.21
C GLY A 206 -0.59 -2.57 -3.24
N GLY A 207 -0.13 -1.38 -3.56
CA GLY A 207 0.82 -0.72 -2.69
C GLY A 207 0.21 -0.28 -1.38
N PRO A 208 1.02 -0.11 -0.34
CA PRO A 208 0.53 0.30 0.96
C PRO A 208 0.29 1.80 1.16
N PHE A 209 -0.80 2.10 1.85
CA PHE A 209 -1.13 3.47 2.23
C PHE A 209 -0.92 3.41 3.76
N VAL A 210 0.17 4.00 4.26
CA VAL A 210 0.43 3.91 5.68
C VAL A 210 0.39 5.22 6.44
N MET A 211 0.37 5.11 7.76
CA MET A 211 0.34 6.25 8.65
C MET A 211 1.20 5.90 9.86
N LYS A 212 1.83 6.92 10.42
CA LYS A 212 2.68 6.75 11.60
C LYS A 212 1.88 7.20 12.80
N SER A 213 1.71 6.32 13.77
CA SER A 213 0.95 6.63 14.98
C SER A 213 1.72 7.64 15.83
N PRO A 214 1.02 8.67 16.33
CA PRO A 214 1.69 9.66 17.18
C PRO A 214 1.82 9.13 18.60
N PHE A 215 1.09 8.06 18.90
CA PHE A 215 1.08 7.47 20.24
C PHE A 215 2.25 6.54 20.52
N ASN A 216 2.51 5.59 19.64
CA ASN A 216 3.62 4.68 19.86
C ASN A 216 4.70 4.69 18.79
N ASN A 217 4.65 5.70 17.91
CA ASN A 217 5.65 5.83 16.85
C ASN A 217 5.71 4.75 15.77
N ARG A 218 4.77 3.81 15.80
CA ARG A 218 4.77 2.73 14.81
C ARG A 218 4.03 3.09 13.53
N TRP A 219 4.46 2.49 12.43
CA TRP A 219 3.80 2.71 11.15
C TRP A 219 2.74 1.64 10.98
N TYR A 220 1.56 2.06 10.59
CA TYR A 220 0.43 1.16 10.39
C TYR A 220 -0.05 1.30 8.94
N GLN A 221 -0.50 0.18 8.37
CA GLN A 221 -1.01 0.20 7.01
C GLN A 221 -2.53 0.34 7.10
N MET A 222 -3.05 1.45 6.61
CA MET A 222 -4.49 1.69 6.66
C MET A 222 -5.17 1.30 5.36
N GLY A 223 -4.45 1.40 4.24
CA GLY A 223 -5.06 1.07 2.97
C GLY A 223 -4.20 0.36 1.97
N ILE A 224 -4.82 -0.01 0.86
CA ILE A 224 -4.18 -0.71 -0.25
C ILE A 224 -4.58 0.07 -1.51
N VAL A 225 -3.61 0.40 -2.35
CA VAL A 225 -3.92 1.12 -3.58
C VAL A 225 -4.89 0.29 -4.41
N SER A 226 -6.10 0.79 -4.61
CA SER A 226 -7.11 0.06 -5.33
C SER A 226 -7.47 0.59 -6.72
N TRP A 227 -8.11 1.75 -6.78
CA TRP A 227 -8.50 2.27 -8.07
C TRP A 227 -8.66 3.77 -8.14
N GLY A 228 -8.87 4.23 -9.36
CA GLY A 228 -9.05 5.65 -9.62
C GLY A 228 -9.48 5.76 -11.07
N GLU A 229 -9.68 6.98 -11.53
CA GLU A 229 -10.09 7.21 -12.90
C GLU A 229 -9.07 8.17 -13.46
N GLY A 230 -8.03 7.62 -14.07
CA GLY A 230 -6.97 8.44 -14.58
C GLY A 230 -5.96 8.58 -13.45
N CYS A 231 -5.09 9.57 -13.52
CA CYS A 231 -4.09 9.77 -12.47
C CYS A 231 -3.83 11.24 -12.20
N ASP A 232 -4.09 11.66 -10.98
CA ASP A 232 -3.87 13.04 -10.59
C ASP A 232 -4.67 14.02 -11.46
N ARG A 233 -5.94 13.71 -11.69
CA ARG A 233 -6.83 14.58 -12.46
C ARG A 233 -7.47 15.47 -11.42
N ASP A 234 -7.71 16.72 -11.74
CA ASP A 234 -8.35 17.62 -10.79
C ASP A 234 -9.79 17.17 -10.58
N GLY A 235 -10.26 17.25 -9.34
CA GLY A 235 -11.62 16.85 -9.05
C GLY A 235 -11.81 15.36 -8.81
N LYS A 236 -10.79 14.55 -9.06
CA LYS A 236 -10.89 13.12 -8.85
C LYS A 236 -9.96 12.68 -7.74
N TYR A 237 -10.24 11.53 -7.12
CA TYR A 237 -9.41 11.04 -6.04
C TYR A 237 -9.05 9.57 -6.16
N GLY A 238 -8.03 9.17 -5.42
CA GLY A 238 -7.61 7.79 -5.45
C GLY A 238 -8.38 7.03 -4.38
N PHE A 239 -8.76 5.78 -4.67
CA PHE A 239 -9.47 4.97 -3.69
C PHE A 239 -8.61 3.82 -3.21
N TYR A 240 -8.77 3.49 -1.93
CA TYR A 240 -7.98 2.45 -1.29
C TYR A 240 -8.87 1.49 -0.53
N THR A 241 -8.41 0.26 -0.38
CA THR A 241 -9.15 -0.73 0.37
C THR A 241 -9.00 -0.40 1.86
N HIS A 242 -10.11 -0.45 2.59
CA HIS A 242 -10.10 -0.15 4.02
C HIS A 242 -9.61 -1.36 4.78
N VAL A 243 -8.30 -1.41 4.98
CA VAL A 243 -7.67 -2.54 5.66
C VAL A 243 -8.32 -3.00 6.97
N PHE A 244 -8.61 -2.09 7.89
CA PHE A 244 -9.20 -2.52 9.16
C PHE A 244 -10.58 -3.18 9.01
N ARG A 245 -11.41 -2.66 8.11
CA ARG A 245 -12.74 -3.21 7.89
C ARG A 245 -12.61 -4.68 7.49
N LEU A 246 -11.47 -5.06 6.93
CA LEU A 246 -11.28 -6.43 6.50
C LEU A 246 -10.29 -7.19 7.35
N LYS A 247 -9.89 -6.58 8.45
CA LYS A 247 -8.93 -7.17 9.37
C LYS A 247 -9.32 -8.57 9.87
N LYS A 248 -10.61 -8.78 10.11
CA LYS A 248 -11.08 -10.07 10.59
C LYS A 248 -10.93 -11.18 9.56
N TRP A 249 -11.07 -10.83 8.29
CA TRP A 249 -10.90 -11.84 7.25
C TRP A 249 -9.42 -12.19 7.23
N ILE A 250 -8.59 -11.19 7.49
CA ILE A 250 -7.15 -11.38 7.51
C ILE A 250 -6.74 -12.34 8.62
N GLN A 251 -7.08 -12.03 9.86
CA GLN A 251 -6.71 -12.90 10.98
C GLN A 251 -7.33 -14.29 10.78
N LYS A 252 -8.54 -14.33 10.25
CA LYS A 252 -9.21 -15.60 10.02
C LYS A 252 -8.34 -16.48 9.13
N VAL A 253 -7.81 -15.89 8.07
CA VAL A 253 -6.96 -16.60 7.10
C VAL A 253 -5.62 -17.03 7.67
N ILE A 254 -4.99 -16.15 8.43
CA ILE A 254 -3.69 -16.45 9.00
C ILE A 254 -3.78 -17.47 10.14
N ASP A 255 -4.82 -17.36 10.97
CA ASP A 255 -4.99 -18.29 12.08
C ASP A 255 -5.37 -19.70 11.64
N GLN A 256 -5.96 -19.82 10.46
CA GLN A 256 -6.37 -21.14 9.97
C GLN A 256 -5.38 -21.77 9.01
N PHE A 257 -4.82 -20.96 8.11
CA PHE A 257 -3.87 -21.45 7.13
C PHE A 257 -2.42 -21.15 7.53
N GLY B 3 0.50 -6.62 19.78
CA GLY B 3 -0.88 -7.14 20.04
C GLY B 3 -1.59 -7.54 18.76
N SER B 4 -2.51 -6.69 18.30
CA SER B 4 -3.26 -6.95 17.08
C SER B 4 -2.31 -6.85 15.88
N GLY B 5 -1.02 -6.87 16.19
CA GLY B 5 0.03 -6.79 15.19
C GLY B 5 1.30 -7.29 15.84
N GLU B 6 2.02 -8.19 15.17
CA GLU B 6 3.25 -8.75 15.70
C GLU B 6 4.17 -7.68 16.31
N ALA B 7 4.86 -8.04 17.38
CA ALA B 7 5.77 -7.11 18.05
C ALA B 7 6.85 -6.65 17.09
N ASP B 8 7.44 -5.49 17.38
CA ASP B 8 8.51 -4.94 16.56
C ASP B 8 8.05 -4.34 15.23
N CYS B 9 6.86 -4.72 14.75
CA CYS B 9 6.34 -4.20 13.49
C CYS B 9 6.25 -2.67 13.47
N GLY B 10 6.45 -2.07 12.31
CA GLY B 10 6.33 -0.62 12.20
C GLY B 10 7.50 0.24 12.61
N LEU B 11 8.49 -0.36 13.27
CA LEU B 11 9.69 0.36 13.70
C LEU B 11 10.79 0.10 12.69
N ARG B 12 11.08 1.08 11.84
CA ARG B 12 12.10 0.94 10.81
C ARG B 12 13.53 0.93 11.37
N PRO B 13 14.33 -0.06 10.94
CA PRO B 13 15.72 -0.19 11.38
C PRO B 13 16.58 1.04 11.17
N LEU B 14 16.45 1.70 10.03
CA LEU B 14 17.27 2.87 9.73
C LEU B 14 16.69 4.20 10.19
N PHE B 15 15.59 4.15 10.92
CA PHE B 15 14.99 5.39 11.37
C PHE B 15 14.56 5.36 12.84
N GLU B 16 13.37 4.87 13.11
CA GLU B 16 12.88 4.81 14.47
C GLU B 16 13.84 4.13 15.44
N LYS B 17 14.44 3.02 15.03
CA LYS B 17 15.35 2.33 15.92
C LYS B 17 16.66 3.09 16.19
N LYS B 18 16.84 4.22 15.53
CA LYS B 18 18.04 5.00 15.74
C LYS B 18 17.65 6.46 15.96
N SER B 19 16.38 6.67 16.28
CA SER B 19 15.85 8.00 16.51
C SER B 19 16.14 8.94 15.35
N LEU B 20 16.15 8.39 14.15
CA LEU B 20 16.35 9.19 12.95
C LEU B 20 15.01 9.37 12.27
N GLU B 21 14.78 10.55 11.69
CA GLU B 21 13.54 10.89 10.99
C GLU B 21 13.78 10.93 9.49
N ASP B 22 12.77 10.56 8.69
CA ASP B 22 12.93 10.64 7.24
C ASP B 22 12.54 12.07 6.85
N LYS B 23 12.87 12.48 5.62
CA LYS B 23 12.63 13.84 5.13
C LYS B 23 11.23 14.42 5.24
N THR B 24 10.19 13.60 5.17
CA THR B 24 8.85 14.15 5.20
C THR B 24 7.87 13.52 6.18
N GLU B 25 8.35 12.80 7.18
CA GLU B 25 7.41 12.19 8.11
C GLU B 25 6.77 13.23 9.01
N ARG B 26 7.44 14.35 9.24
CA ARG B 26 6.88 15.40 10.09
C ARG B 26 5.64 16.00 9.43
N GLU B 27 5.59 15.96 8.10
CA GLU B 27 4.45 16.51 7.37
C GLU B 27 3.20 15.73 7.75
N LEU B 28 3.39 14.46 8.12
CA LEU B 28 2.30 13.58 8.53
C LEU B 28 1.86 13.89 9.95
N LEU B 29 2.80 13.85 10.89
CA LEU B 29 2.50 14.11 12.28
C LEU B 29 1.90 15.50 12.47
N GLU B 30 2.29 16.45 11.63
CA GLU B 30 1.75 17.80 11.73
C GLU B 30 0.28 17.84 11.33
N SER B 31 -0.18 16.83 10.60
CA SER B 31 -1.56 16.81 10.16
C SER B 31 -2.47 16.09 11.14
N TYR B 32 -1.88 15.43 12.13
CA TYR B 32 -2.68 14.70 13.10
C TYR B 32 -3.12 15.59 14.25
N ILE B 33 -3.39 16.85 13.94
CA ILE B 33 -3.82 17.80 14.95
C ILE B 33 -5.02 18.57 14.41
N ASP B 34 -4.73 19.65 13.70
CA ASP B 34 -5.77 20.49 13.11
C ASP B 34 -5.31 21.18 11.82
N GLY B 35 -4.01 21.30 11.65
CA GLY B 35 -3.47 21.94 10.46
C GLY B 35 -3.48 20.99 9.28
N ARG B 36 -2.46 21.09 8.42
CA ARG B 36 -2.36 20.23 7.24
C ARG B 36 -1.18 20.67 6.37
#